data_6R1J
#
_entry.id   6R1J
#
_cell.length_a   88.538
_cell.length_b   88.538
_cell.length_c   290.975
_cell.angle_alpha   90.00
_cell.angle_beta   90.00
_cell.angle_gamma   120.00
#
_symmetry.space_group_name_H-M   'P 61 2 2'
#
loop_
_entity.id
_entity.type
_entity.pdbx_description
1 polymer 'Uncharacterized protein'
2 non-polymer 'SODIUM ION'
3 water water
#
_entity_poly.entity_id   1
_entity_poly.type   'polypeptide(L)'
_entity_poly.pdbx_seq_one_letter_code
;MSNGILSQSIANMQQAEATIQSFSGLPQNAVNIQQNVGEVVAALLPQVQTMQQQVLAFAARLELQLTQQLANTGPFNPEA
LKAFVDLVQQEIAPIQTLTAQTLTASQSANDRITQDNIALQRIGVELQATIAGLQSNLDGARQELDSLNKKKLYLTGLGT
TGLPGLIALAVTLTQTQNKVSSLEGQVNQIEGQIQRQQGFLGQTTAFSQQFGSLIDRVSKVGNTISLLGGDIANVARDAG
QGDPELARLFFTAALTEVRTLQVDASHHHHHH
;
_entity_poly.pdbx_strand_id   J,D
#
# COMPACT_ATOMS: atom_id res chain seq x y z
N ASN A 3 8.01 -11.99 16.90
CA ASN A 3 8.60 -12.49 15.65
C ASN A 3 7.52 -12.97 14.68
N GLY A 4 6.56 -13.81 15.10
CA GLY A 4 5.51 -14.36 14.21
C GLY A 4 4.56 -13.27 13.69
N ILE A 5 3.87 -13.50 12.57
CA ILE A 5 2.97 -12.50 11.91
C ILE A 5 1.81 -12.10 12.84
N LEU A 6 1.22 -13.03 13.59
CA LEU A 6 0.15 -12.65 14.54
C LEU A 6 0.74 -11.75 15.62
N SER A 7 1.86 -12.16 16.22
CA SER A 7 2.54 -11.42 17.31
C SER A 7 2.92 -10.00 16.85
N GLN A 8 3.43 -9.86 15.63
CA GLN A 8 3.86 -8.55 15.12
C GLN A 8 2.66 -7.63 14.93
N SER A 9 1.62 -8.16 14.30
CA SER A 9 0.40 -7.41 13.94
C SER A 9 -0.20 -6.88 15.23
N ILE A 10 -0.31 -7.77 16.22
CA ILE A 10 -0.84 -7.41 17.56
C ILE A 10 -0.02 -6.28 18.15
N ALA A 11 1.31 -6.41 18.18
CA ALA A 11 2.20 -5.42 18.81
C ALA A 11 2.05 -4.06 18.11
N ASN A 12 2.04 -4.09 16.78
CA ASN A 12 1.94 -2.88 15.93
C ASN A 12 0.56 -2.22 16.16
N MET A 13 -0.49 -3.00 16.21
CA MET A 13 -1.86 -2.50 16.49
C MET A 13 -1.90 -1.84 17.88
N GLN A 14 -1.23 -2.42 18.88
CA GLN A 14 -1.18 -1.84 20.26
C GLN A 14 -0.49 -0.47 20.23
N GLN A 15 0.60 -0.32 19.49
CA GLN A 15 1.28 0.98 19.34
C GLN A 15 0.37 1.96 18.59
N ALA A 16 -0.24 1.55 17.49
CA ALA A 16 -1.04 2.51 16.69
C ALA A 16 -2.19 3.03 17.59
N GLU A 17 -2.79 2.12 18.36
CA GLU A 17 -3.93 2.41 19.25
C GLU A 17 -3.52 3.48 20.26
N ALA A 18 -2.36 3.39 20.90
CA ALA A 18 -1.91 4.40 21.89
C ALA A 18 -1.79 5.76 21.19
N THR A 19 -1.23 5.77 19.98
CA THR A 19 -1.08 7.02 19.22
C THR A 19 -2.47 7.55 18.82
N ILE A 20 -3.37 6.67 18.40
CA ILE A 20 -4.75 7.06 18.01
C ILE A 20 -5.46 7.70 19.21
N GLN A 21 -5.22 7.21 20.43
CA GLN A 21 -5.93 7.78 21.61
C GLN A 21 -5.38 9.17 21.97
N SER A 22 -4.19 9.57 21.50
CA SER A 22 -3.52 10.82 21.91
C SER A 22 -4.19 12.02 21.23
N PHE A 23 -5.01 11.80 20.19
CA PHE A 23 -5.62 12.88 19.40
C PHE A 23 -6.89 13.39 20.10
N SER A 24 -7.02 14.71 20.20
CA SER A 24 -8.22 15.36 20.76
C SER A 24 -8.77 16.39 19.77
N GLY A 25 -10.02 16.76 19.96
CA GLY A 25 -10.64 17.85 19.19
C GLY A 25 -11.02 17.40 17.81
N LEU A 26 -11.22 16.10 17.61
CA LEU A 26 -11.57 15.58 16.27
C LEU A 26 -13.07 15.29 16.23
N PRO A 27 -13.64 15.17 15.02
CA PRO A 27 -15.06 14.91 14.89
C PRO A 27 -15.50 13.49 15.25
N GLN A 28 -16.82 13.31 15.25
CA GLN A 28 -17.49 12.07 15.71
C GLN A 28 -16.85 10.85 15.04
N ASN A 29 -16.60 10.86 13.72
CA ASN A 29 -16.04 9.65 13.05
C ASN A 29 -14.68 9.26 13.66
N ALA A 30 -13.86 10.22 14.11
CA ALA A 30 -12.54 9.99 14.77
C ALA A 30 -12.79 9.36 16.13
N VAL A 31 -13.76 9.88 16.88
CA VAL A 31 -14.15 9.28 18.17
C VAL A 31 -14.69 7.87 17.96
N ASN A 32 -15.43 7.60 16.88
CA ASN A 32 -15.90 6.25 16.54
C ASN A 32 -14.71 5.28 16.45
N ILE A 33 -13.64 5.67 15.77
CA ILE A 33 -12.44 4.80 15.56
C ILE A 33 -11.73 4.63 16.89
N GLN A 34 -11.56 5.74 17.64
CA GLN A 34 -10.87 5.72 18.97
C GLN A 34 -11.55 4.68 19.86
N GLN A 35 -12.87 4.66 19.86
CA GLN A 35 -13.62 3.72 20.73
C GLN A 35 -13.43 2.29 20.20
N ASN A 36 -13.59 2.11 18.90
CA ASN A 36 -13.42 0.81 18.21
C ASN A 36 -12.03 0.24 18.51
N VAL A 37 -10.96 0.98 18.24
CA VAL A 37 -9.59 0.43 18.44
C VAL A 37 -9.35 0.15 19.92
N GLY A 38 -9.87 0.98 20.81
CA GLY A 38 -9.78 0.70 22.24
C GLY A 38 -10.35 -0.67 22.57
N GLU A 39 -11.53 -0.98 22.03
CA GLU A 39 -12.23 -2.28 22.24
C GLU A 39 -11.45 -3.40 21.57
N VAL A 40 -10.84 -3.16 20.41
CA VAL A 40 -10.04 -4.20 19.69
C VAL A 40 -8.85 -4.58 20.58
N VAL A 41 -8.16 -3.60 21.13
CA VAL A 41 -6.93 -3.83 21.95
C VAL A 41 -7.33 -4.48 23.27
N ALA A 42 -8.43 -4.04 23.90
CA ALA A 42 -8.91 -4.54 25.20
C ALA A 42 -9.49 -5.96 25.10
N ALA A 43 -10.40 -6.20 24.17
CA ALA A 43 -11.22 -7.43 24.12
C ALA A 43 -10.80 -8.38 22.98
N LEU A 44 -10.57 -7.91 21.75
CA LEU A 44 -10.40 -8.84 20.61
C LEU A 44 -8.96 -9.38 20.53
N LEU A 45 -7.92 -8.57 20.78
CA LEU A 45 -6.53 -9.10 20.61
C LEU A 45 -6.26 -10.20 21.64
N PRO A 46 -6.74 -10.13 22.92
CA PRO A 46 -6.65 -11.29 23.81
C PRO A 46 -7.36 -12.55 23.26
N GLN A 47 -8.54 -12.41 22.62
CA GLN A 47 -9.26 -13.55 22.01
C GLN A 47 -8.44 -14.08 20.84
N VAL A 48 -7.74 -13.22 20.09
CA VAL A 48 -6.84 -13.71 19.01
C VAL A 48 -5.68 -14.50 19.65
N GLN A 49 -5.11 -14.00 20.75
CA GLN A 49 -3.98 -14.74 21.40
C GLN A 49 -4.50 -16.09 21.93
N THR A 50 -5.70 -16.16 22.51
CA THR A 50 -6.31 -17.42 22.97
C THR A 50 -6.47 -18.37 21.77
N MET A 51 -6.96 -17.86 20.64
CA MET A 51 -7.22 -18.69 19.45
C MET A 51 -5.90 -19.29 18.98
N GLN A 52 -4.86 -18.48 18.92
CA GLN A 52 -3.48 -18.90 18.55
C GLN A 52 -3.01 -20.05 19.46
N GLN A 53 -3.07 -19.88 20.78
CA GLN A 53 -2.68 -20.91 21.77
C GLN A 53 -3.50 -22.19 21.53
N GLN A 54 -4.80 -22.10 21.26
CA GLN A 54 -5.70 -23.28 21.09
C GLN A 54 -5.39 -23.99 19.77
N VAL A 55 -5.13 -23.23 18.70
CA VAL A 55 -4.77 -23.84 17.39
C VAL A 55 -3.45 -24.62 17.54
N LEU A 56 -2.46 -24.06 18.23
CA LEU A 56 -1.13 -24.72 18.37
C LEU A 56 -1.26 -25.99 19.24
N ALA A 57 -2.02 -25.92 20.34
CA ALA A 57 -2.30 -27.04 21.27
C ALA A 57 -2.97 -28.16 20.48
N PHE A 58 -4.00 -27.80 19.72
CA PHE A 58 -4.73 -28.73 18.85
C PHE A 58 -3.77 -29.35 17.85
N ALA A 59 -2.94 -28.52 17.19
CA ALA A 59 -2.07 -29.03 16.11
C ALA A 59 -1.02 -29.98 16.72
N ALA A 60 -0.45 -29.65 17.87
CA ALA A 60 0.60 -30.48 18.52
C ALA A 60 -0.01 -31.85 18.83
N ARG A 61 -1.20 -31.88 19.41
CA ARG A 61 -1.86 -33.16 19.73
C ARG A 61 -2.16 -33.94 18.44
N LEU A 62 -2.70 -33.31 17.40
CA LEU A 62 -3.05 -34.04 16.17
C LEU A 62 -1.79 -34.48 15.41
N GLU A 63 -0.72 -33.69 15.42
CA GLU A 63 0.56 -34.07 14.76
C GLU A 63 1.02 -35.45 15.30
N LEU A 64 1.01 -35.63 16.61
CA LEU A 64 1.46 -36.92 17.23
C LEU A 64 0.44 -38.04 16.91
N GLN A 65 -0.85 -37.74 16.95
CA GLN A 65 -1.90 -38.73 16.60
C GLN A 65 -1.69 -39.21 15.17
N LEU A 66 -1.39 -38.31 14.23
CA LEU A 66 -1.18 -38.70 12.83
C LEU A 66 0.12 -39.51 12.69
N THR A 67 1.22 -39.11 13.33
CA THR A 67 2.48 -39.90 13.18
C THR A 67 2.26 -41.33 13.75
N GLN A 68 1.53 -41.45 14.85
CA GLN A 68 1.18 -42.74 15.50
C GLN A 68 0.34 -43.56 14.52
N GLN A 69 -0.65 -42.97 13.83
CA GLN A 69 -1.38 -43.72 12.79
C GLN A 69 -0.43 -44.15 11.68
N LEU A 70 0.45 -43.27 11.23
CA LEU A 70 1.33 -43.61 10.10
C LEU A 70 2.38 -44.69 10.50
N ALA A 71 2.57 -44.90 11.80
CA ALA A 71 3.49 -45.91 12.38
C ALA A 71 2.83 -47.29 12.34
N ASN A 72 1.56 -47.37 11.95
CA ASN A 72 0.81 -48.66 11.87
C ASN A 72 1.38 -49.46 10.68
N THR A 73 1.73 -50.72 10.89
CA THR A 73 2.24 -51.61 9.81
C THR A 73 1.14 -52.67 9.57
N GLY A 74 1.16 -53.33 8.42
CA GLY A 74 0.09 -54.26 8.03
C GLY A 74 -1.17 -53.47 7.69
N PRO A 75 -2.38 -53.98 8.00
CA PRO A 75 -3.60 -53.32 7.54
C PRO A 75 -4.26 -52.39 8.57
N PHE A 76 -4.93 -51.32 8.11
CA PHE A 76 -5.77 -50.48 8.99
C PHE A 76 -7.13 -51.21 9.18
N ASN A 77 -7.44 -51.58 10.43
CA ASN A 77 -8.74 -52.10 10.93
C ASN A 77 -9.76 -51.01 10.65
N PRO A 78 -10.74 -51.23 9.73
CA PRO A 78 -11.60 -50.17 9.23
C PRO A 78 -12.51 -49.49 10.27
N GLU A 79 -12.74 -50.16 11.41
CA GLU A 79 -13.56 -49.67 12.56
C GLU A 79 -12.66 -48.77 13.42
N ALA A 80 -11.37 -49.10 13.56
CA ALA A 80 -10.37 -48.29 14.31
C ALA A 80 -10.23 -46.96 13.57
N LEU A 81 -10.11 -46.98 12.22
CA LEU A 81 -10.06 -45.78 11.36
C LEU A 81 -11.25 -44.88 11.72
N LYS A 82 -12.48 -45.39 11.59
CA LYS A 82 -13.72 -44.59 11.76
C LYS A 82 -13.72 -43.96 13.15
N ALA A 83 -13.49 -44.71 14.23
CA ALA A 83 -13.41 -44.16 15.61
C ALA A 83 -12.41 -42.98 15.69
N PHE A 84 -11.26 -43.10 15.02
CA PHE A 84 -10.17 -42.08 14.99
C PHE A 84 -10.68 -40.84 14.23
N VAL A 85 -11.15 -41.06 12.99
CA VAL A 85 -11.73 -40.01 12.11
C VAL A 85 -12.80 -39.28 12.91
N ASP A 86 -13.67 -40.02 13.60
CA ASP A 86 -14.75 -39.43 14.42
C ASP A 86 -14.11 -38.57 15.51
N LEU A 87 -13.14 -39.09 16.24
CA LEU A 87 -12.50 -38.33 17.34
C LEU A 87 -11.87 -37.03 16.80
N VAL A 88 -11.15 -37.10 15.68
CA VAL A 88 -10.45 -35.93 15.07
C VAL A 88 -11.52 -34.92 14.60
N GLN A 89 -12.57 -35.38 13.89
CA GLN A 89 -13.68 -34.49 13.41
C GLN A 89 -14.29 -33.73 14.61
N GLN A 90 -14.42 -34.39 15.76
CA GLN A 90 -15.00 -33.81 17.01
C GLN A 90 -14.04 -32.80 17.61
N GLU A 91 -12.74 -33.00 17.41
CA GLU A 91 -11.72 -32.09 17.97
C GLU A 91 -11.49 -30.91 17.02
N ILE A 92 -11.67 -31.08 15.72
CA ILE A 92 -11.54 -29.94 14.77
C ILE A 92 -12.69 -28.94 14.99
N ALA A 93 -13.92 -29.43 15.15
CA ALA A 93 -15.17 -28.61 15.21
C ALA A 93 -14.97 -27.37 16.05
N PRO A 94 -14.62 -27.46 17.35
CA PRO A 94 -14.44 -26.27 18.17
C PRO A 94 -13.31 -25.31 17.74
N ILE A 95 -12.25 -25.82 17.08
CA ILE A 95 -11.11 -24.93 16.70
C ILE A 95 -11.53 -24.21 15.43
N GLN A 96 -12.19 -24.93 14.52
CA GLN A 96 -12.67 -24.36 13.24
C GLN A 96 -13.68 -23.26 13.59
N THR A 97 -14.47 -23.47 14.65
CA THR A 97 -15.54 -22.53 15.07
C THR A 97 -14.92 -21.27 15.67
N LEU A 98 -13.98 -21.43 16.61
CA LEU A 98 -13.32 -20.30 17.30
C LEU A 98 -12.55 -19.44 16.27
N THR A 99 -11.96 -20.09 15.27
CA THR A 99 -11.22 -19.38 14.21
C THR A 99 -12.22 -18.55 13.39
N ALA A 100 -13.31 -19.15 12.90
CA ALA A 100 -14.37 -18.46 12.12
C ALA A 100 -14.92 -17.25 12.93
N GLN A 101 -15.18 -17.45 14.21
CA GLN A 101 -15.68 -16.39 15.14
C GLN A 101 -14.66 -15.27 15.26
N THR A 102 -13.39 -15.64 15.43
CA THR A 102 -12.30 -14.66 15.53
C THR A 102 -12.23 -13.87 14.23
N LEU A 103 -12.37 -14.54 13.09
CA LEU A 103 -12.27 -13.83 11.80
C LEU A 103 -13.46 -12.86 11.70
N THR A 104 -14.66 -13.33 12.01
CA THR A 104 -15.90 -12.49 11.92
C THR A 104 -15.73 -11.25 12.80
N ALA A 105 -15.40 -11.39 14.08
CA ALA A 105 -15.22 -10.23 14.99
C ALA A 105 -14.17 -9.27 14.38
N SER A 106 -13.08 -9.80 13.84
CA SER A 106 -12.01 -8.95 13.25
C SER A 106 -12.54 -8.18 12.04
N GLN A 107 -13.15 -8.86 11.08
CA GLN A 107 -13.68 -8.20 9.87
C GLN A 107 -14.72 -7.13 10.27
N SER A 108 -15.60 -7.41 11.23
CA SER A 108 -16.62 -6.43 11.70
C SER A 108 -15.92 -5.16 12.14
N ALA A 109 -15.00 -5.26 13.08
CA ALA A 109 -14.34 -4.09 13.67
C ALA A 109 -13.56 -3.34 12.57
N ASN A 110 -12.83 -4.07 11.74
CA ASN A 110 -11.95 -3.44 10.71
C ASN A 110 -12.83 -2.71 9.69
N ASP A 111 -13.93 -3.32 9.27
CA ASP A 111 -14.85 -2.69 8.27
C ASP A 111 -15.41 -1.37 8.80
N ARG A 112 -15.67 -1.25 10.11
CA ARG A 112 -16.18 -0.01 10.74
C ARG A 112 -15.06 1.02 10.71
N ILE A 113 -13.81 0.60 10.91
CA ILE A 113 -12.67 1.54 10.78
C ILE A 113 -12.66 2.09 9.36
N THR A 114 -12.73 1.24 8.36
CA THR A 114 -12.69 1.69 6.94
C THR A 114 -13.81 2.70 6.64
N GLN A 115 -15.04 2.42 7.10
CA GLN A 115 -16.19 3.36 6.87
C GLN A 115 -15.94 4.69 7.59
N ASP A 116 -15.45 4.69 8.83
CA ASP A 116 -15.15 5.94 9.54
C ASP A 116 -14.00 6.66 8.82
N ASN A 117 -13.03 5.92 8.29
CA ASN A 117 -11.92 6.56 7.54
C ASN A 117 -12.45 7.30 6.31
N ILE A 118 -13.24 6.63 5.49
CA ILE A 118 -13.87 7.24 4.31
C ILE A 118 -14.64 8.50 4.74
N ALA A 119 -15.47 8.41 5.80
CA ALA A 119 -16.26 9.56 6.33
C ALA A 119 -15.29 10.69 6.73
N LEU A 120 -14.17 10.38 7.39
CA LEU A 120 -13.19 11.44 7.75
C LEU A 120 -12.57 12.08 6.49
N GLN A 121 -12.31 11.28 5.46
CA GLN A 121 -11.75 11.75 4.18
C GLN A 121 -12.72 12.73 3.51
N ARG A 122 -14.03 12.45 3.51
CA ARG A 122 -15.05 13.38 2.95
C ARG A 122 -14.97 14.68 3.71
N ILE A 123 -14.83 14.62 5.03
CA ILE A 123 -14.72 15.80 5.88
C ILE A 123 -13.44 16.60 5.53
N GLY A 124 -12.32 15.91 5.28
CA GLY A 124 -11.05 16.58 4.92
C GLY A 124 -11.20 17.34 3.61
N VAL A 125 -11.92 16.78 2.64
CA VAL A 125 -12.13 17.45 1.33
C VAL A 125 -13.01 18.69 1.57
N GLU A 126 -13.98 18.62 2.48
CA GLU A 126 -14.87 19.80 2.73
C GLU A 126 -14.07 20.90 3.44
N LEU A 127 -13.06 20.55 4.25
CA LEU A 127 -12.11 21.55 4.80
C LEU A 127 -11.28 22.20 3.68
N GLN A 128 -10.85 21.43 2.67
CA GLN A 128 -10.10 21.98 1.50
C GLN A 128 -11.00 23.02 0.80
N ALA A 129 -12.28 22.69 0.53
CA ALA A 129 -13.26 23.63 -0.08
C ALA A 129 -13.36 24.88 0.79
N THR A 130 -13.53 24.72 2.09
CA THR A 130 -13.67 25.83 3.07
C THR A 130 -12.38 26.68 3.06
N ILE A 131 -11.21 26.08 3.09
CA ILE A 131 -9.98 26.91 3.14
C ILE A 131 -9.82 27.68 1.81
N ALA A 132 -10.23 27.13 0.68
CA ALA A 132 -10.11 27.83 -0.61
C ALA A 132 -11.09 29.01 -0.63
N GLY A 133 -12.59 29.00 0.15
CA GLY A 133 -13.27 30.31 0.13
C GLY A 133 -12.61 31.30 1.07
N LEU A 134 -12.05 30.86 2.20
CA LEU A 134 -11.42 31.75 3.20
C LEU A 134 -10.22 32.45 2.56
N GLN A 135 -9.50 31.76 1.67
CA GLN A 135 -8.29 32.33 1.03
C GLN A 135 -8.73 33.45 0.10
N SER A 136 -9.83 33.28 -0.65
CA SER A 136 -10.39 34.35 -1.52
C SER A 136 -10.86 35.54 -0.68
N ASN A 137 -11.72 35.31 0.33
CA ASN A 137 -12.20 36.36 1.26
C ASN A 137 -10.98 37.13 1.78
N LEU A 138 -9.91 36.43 2.19
CA LEU A 138 -8.64 37.04 2.71
C LEU A 138 -8.00 37.89 1.62
N ASP A 139 -7.84 37.34 0.41
CA ASP A 139 -7.28 38.05 -0.78
C ASP A 139 -8.05 39.37 -0.99
N GLY A 140 -9.39 39.31 -1.04
CA GLY A 140 -10.29 40.47 -1.25
C GLY A 140 -10.26 41.48 -0.11
N ALA A 141 -10.05 41.09 1.15
CA ALA A 141 -10.00 42.03 2.29
C ALA A 141 -8.65 42.74 2.29
N ARG A 142 -7.64 42.10 1.68
CA ARG A 142 -6.29 42.68 1.47
C ARG A 142 -6.40 43.79 0.43
N GLN A 143 -7.10 43.52 -0.69
CA GLN A 143 -7.33 44.52 -1.77
C GLN A 143 -8.11 45.70 -1.19
N GLU A 144 -9.13 45.42 -0.39
CA GLU A 144 -10.03 46.41 0.27
C GLU A 144 -9.16 47.31 1.15
N LEU A 145 -8.18 46.74 1.87
CA LEU A 145 -7.24 47.46 2.78
C LEU A 145 -6.25 48.30 1.94
N ASP A 146 -5.92 47.87 0.70
CA ASP A 146 -5.00 48.59 -0.24
C ASP A 146 -5.66 49.88 -0.70
N SER A 147 -6.92 49.81 -1.18
CA SER A 147 -7.77 50.97 -1.56
C SER A 147 -7.80 51.98 -0.41
N LEU A 148 -8.26 51.54 0.77
CA LEU A 148 -8.41 52.41 1.97
C LEU A 148 -7.11 53.17 2.24
N ASN A 149 -5.96 52.48 2.22
CA ASN A 149 -4.62 53.09 2.51
C ASN A 149 -4.18 54.05 1.39
N LYS A 150 -4.61 53.83 0.14
CA LYS A 150 -4.34 54.76 -1.00
C LYS A 150 -5.19 56.02 -0.85
N LYS A 151 -6.42 55.91 -0.33
CA LYS A 151 -7.33 57.06 -0.04
C LYS A 151 -6.75 57.85 1.15
N LYS A 152 -6.23 57.17 2.17
CA LYS A 152 -5.56 57.79 3.34
C LYS A 152 -4.37 58.62 2.84
N LEU A 153 -3.55 58.04 1.95
CA LEU A 153 -2.43 58.72 1.22
C LEU A 153 -2.97 60.03 0.63
N TYR A 154 -4.01 59.91 -0.21
CA TYR A 154 -4.70 61.00 -0.94
C TYR A 154 -5.22 62.09 0.02
N LEU A 155 -6.12 61.77 0.96
CA LEU A 155 -6.73 62.72 1.95
C LEU A 155 -5.64 63.33 2.87
N THR A 156 -4.60 62.57 3.27
CA THR A 156 -3.43 63.09 4.05
C THR A 156 -2.72 64.11 3.15
N GLY A 157 -2.80 63.92 1.82
CA GLY A 157 -2.24 64.79 0.76
C GLY A 157 -2.99 66.10 0.61
N LEU A 158 -4.29 66.14 0.94
CA LEU A 158 -5.15 67.37 0.94
C LEU A 158 -4.75 68.23 2.15
N GLY A 159 -5.35 69.41 2.32
CA GLY A 159 -5.05 70.30 3.47
C GLY A 159 -5.98 70.01 4.63
N THR A 160 -6.51 71.07 5.24
CA THR A 160 -7.53 71.08 6.33
C THR A 160 -8.82 70.43 5.80
N THR A 161 -9.07 70.66 4.51
CA THR A 161 -10.22 70.13 3.73
C THR A 161 -10.26 68.59 3.90
N GLY A 162 -9.11 67.93 4.10
CA GLY A 162 -8.97 66.47 4.21
C GLY A 162 -9.48 65.90 5.55
N LEU A 163 -9.17 66.58 6.66
CA LEU A 163 -9.42 66.14 8.07
C LEU A 163 -10.78 65.46 8.28
N PRO A 164 -11.96 66.05 7.93
CA PRO A 164 -13.23 65.35 8.07
C PRO A 164 -13.26 63.93 7.45
N GLY A 165 -12.86 63.79 6.18
CA GLY A 165 -12.80 62.50 5.44
C GLY A 165 -11.87 61.49 6.08
N LEU A 166 -10.73 61.95 6.63
CA LEU A 166 -9.70 61.13 7.35
C LEU A 166 -10.25 60.56 8.67
N ILE A 167 -10.99 61.37 9.43
CA ILE A 167 -11.63 60.97 10.73
C ILE A 167 -12.59 59.79 10.46
N ALA A 168 -13.31 59.82 9.32
CA ALA A 168 -14.22 58.75 8.83
C ALA A 168 -13.42 57.51 8.43
N LEU A 169 -12.55 57.63 7.42
CA LEU A 169 -11.70 56.54 6.85
C LEU A 169 -11.00 55.75 7.98
N ALA A 170 -10.55 56.40 9.05
CA ALA A 170 -9.87 55.82 10.24
C ALA A 170 -10.69 54.66 10.84
N VAL A 171 -12.03 54.81 10.86
CA VAL A 171 -13.00 53.81 11.40
C VAL A 171 -13.14 52.66 10.40
N THR A 172 -13.25 52.97 9.10
CA THR A 172 -13.32 51.93 8.04
C THR A 172 -12.03 51.07 8.05
N LEU A 173 -10.88 51.70 8.23
CA LEU A 173 -9.54 51.07 8.17
C LEU A 173 -9.45 50.05 9.32
N THR A 174 -9.80 50.43 10.56
CA THR A 174 -9.84 49.52 11.74
C THR A 174 -10.72 48.31 11.41
N GLN A 175 -11.95 48.52 10.92
CA GLN A 175 -12.92 47.43 10.60
C GLN A 175 -12.31 46.47 9.57
N THR A 176 -11.73 46.99 8.49
CA THR A 176 -11.15 46.18 7.38
C THR A 176 -9.91 45.42 7.89
N GLN A 177 -9.11 46.06 8.76
CA GLN A 177 -7.91 45.44 9.37
C GLN A 177 -8.37 44.22 10.20
N ASN A 178 -9.38 44.40 11.08
CA ASN A 178 -9.95 43.32 11.94
C ASN A 178 -10.56 42.21 11.06
N LYS A 179 -11.10 42.57 9.89
CA LYS A 179 -11.61 41.57 8.92
C LYS A 179 -10.42 40.74 8.41
N VAL A 180 -9.29 41.38 8.07
CA VAL A 180 -8.07 40.68 7.55
C VAL A 180 -7.46 39.79 8.63
N SER A 181 -7.20 40.34 9.83
CA SER A 181 -6.61 39.61 10.98
C SER A 181 -7.49 38.41 11.33
N SER A 182 -8.81 38.54 11.21
CA SER A 182 -9.77 37.45 11.55
C SER A 182 -9.61 36.33 10.50
N LEU A 183 -9.62 36.67 9.22
CA LEU A 183 -9.50 35.69 8.12
C LEU A 183 -8.12 35.01 8.16
N GLU A 184 -7.06 35.71 8.57
CA GLU A 184 -5.73 35.06 8.68
C GLU A 184 -5.81 33.99 9.77
N GLY A 185 -6.48 34.33 10.88
CA GLY A 185 -6.64 33.43 12.04
C GLY A 185 -7.49 32.23 11.64
N GLN A 186 -8.56 32.46 10.87
CA GLN A 186 -9.46 31.40 10.39
C GLN A 186 -8.71 30.47 9.42
N VAL A 187 -7.91 31.02 8.51
CA VAL A 187 -7.13 30.19 7.56
C VAL A 187 -6.12 29.37 8.38
N ASN A 188 -5.42 29.99 9.32
CA ASN A 188 -4.43 29.27 10.17
C ASN A 188 -5.13 28.12 10.90
N GLN A 189 -6.34 28.40 11.41
CA GLN A 189 -7.16 27.46 12.19
C GLN A 189 -7.49 26.22 11.34
N ILE A 190 -7.98 26.41 10.13
CA ILE A 190 -8.43 25.31 9.26
C ILE A 190 -7.18 24.54 8.79
N GLU A 191 -6.07 25.20 8.51
CA GLU A 191 -4.80 24.51 8.13
C GLU A 191 -4.39 23.55 9.26
N GLY A 192 -4.42 24.01 10.52
CA GLY A 192 -4.10 23.18 11.70
C GLY A 192 -5.02 21.98 11.82
N GLN A 193 -6.34 22.19 11.68
CA GLN A 193 -7.36 21.11 11.66
C GLN A 193 -7.04 20.15 10.52
N ILE A 194 -6.68 20.65 9.36
CA ILE A 194 -6.38 19.73 8.20
C ILE A 194 -5.18 18.86 8.58
N GLN A 195 -4.12 19.49 9.07
CA GLN A 195 -2.86 18.81 9.49
C GLN A 195 -3.16 17.73 10.55
N ARG A 196 -3.93 18.08 11.58
CA ARG A 196 -4.25 17.14 12.67
C ARG A 196 -5.07 15.98 12.13
N GLN A 197 -6.08 16.25 11.32
CA GLN A 197 -6.87 15.12 10.77
C GLN A 197 -5.99 14.23 9.87
N GLN A 198 -5.14 14.79 9.02
CA GLN A 198 -4.29 13.96 8.14
C GLN A 198 -3.41 13.06 9.04
N GLY A 199 -2.82 13.62 10.08
CA GLY A 199 -2.00 12.85 11.03
C GLY A 199 -2.83 11.71 11.61
N PHE A 200 -4.04 12.00 12.06
CA PHE A 200 -4.92 10.97 12.66
C PHE A 200 -5.24 9.87 11.63
N LEU A 201 -5.66 10.26 10.43
CA LEU A 201 -5.96 9.27 9.37
C LEU A 201 -4.72 8.41 9.02
N GLY A 202 -3.53 8.98 9.02
CA GLY A 202 -2.26 8.22 8.85
C GLY A 202 -2.15 7.12 9.89
N GLN A 203 -2.51 7.41 11.14
CA GLN A 203 -2.43 6.41 12.22
C GLN A 203 -3.55 5.40 12.08
N THR A 204 -4.77 5.82 11.71
CA THR A 204 -5.87 4.86 11.58
C THR A 204 -5.64 4.00 10.34
N THR A 205 -5.03 4.53 9.29
CA THR A 205 -4.74 3.71 8.08
C THR A 205 -3.71 2.64 8.48
N ALA A 206 -2.73 3.01 9.28
CA ALA A 206 -1.65 2.08 9.68
C ALA A 206 -2.28 1.00 10.55
N PHE A 207 -3.19 1.37 11.44
CA PHE A 207 -3.85 0.41 12.35
C PHE A 207 -4.60 -0.62 11.52
N SER A 208 -5.35 -0.13 10.56
CA SER A 208 -6.14 -0.95 9.61
C SER A 208 -5.25 -1.83 8.71
N GLN A 209 -4.10 -1.35 8.24
CA GLN A 209 -3.14 -2.19 7.46
C GLN A 209 -2.67 -3.36 8.38
N GLN A 210 -2.23 -3.09 9.59
CA GLN A 210 -1.79 -4.15 10.56
C GLN A 210 -2.97 -5.06 10.88
N PHE A 211 -4.16 -4.50 11.08
CA PHE A 211 -5.36 -5.31 11.35
C PHE A 211 -5.58 -6.23 10.14
N GLY A 212 -5.45 -5.70 8.93
CA GLY A 212 -5.63 -6.50 7.71
C GLY A 212 -4.64 -7.67 7.68
N SER A 213 -3.41 -7.47 8.10
CA SER A 213 -2.39 -8.56 8.11
C SER A 213 -2.84 -9.62 9.11
N LEU A 214 -3.37 -9.19 10.26
CA LEU A 214 -3.92 -10.14 11.26
C LEU A 214 -5.08 -10.93 10.66
N ILE A 215 -6.03 -10.26 10.01
CA ILE A 215 -7.24 -10.91 9.41
C ILE A 215 -6.81 -11.91 8.33
N ASP A 216 -5.87 -11.53 7.46
CA ASP A 216 -5.41 -12.45 6.38
C ASP A 216 -4.80 -13.73 7.02
N ARG A 217 -4.12 -13.61 8.14
CA ARG A 217 -3.45 -14.78 8.78
C ARG A 217 -4.50 -15.61 9.51
N VAL A 218 -5.48 -14.97 10.16
CA VAL A 218 -6.58 -15.73 10.78
C VAL A 218 -7.33 -16.47 9.68
N SER A 219 -7.55 -15.80 8.55
CA SER A 219 -8.29 -16.41 7.45
C SER A 219 -7.44 -17.59 6.89
N LYS A 220 -6.13 -17.42 6.80
CA LYS A 220 -5.23 -18.50 6.27
C LYS A 220 -5.34 -19.70 7.21
N VAL A 221 -5.36 -19.46 8.52
CA VAL A 221 -5.47 -20.53 9.54
C VAL A 221 -6.79 -21.29 9.33
N GLY A 222 -7.91 -20.59 9.22
CA GLY A 222 -9.21 -21.20 8.88
C GLY A 222 -9.17 -22.01 7.59
N ASN A 223 -8.53 -21.51 6.54
CA ASN A 223 -8.44 -22.23 5.24
CA ASN A 223 -8.47 -22.25 5.25
C ASN A 223 -7.68 -23.56 5.46
N THR A 224 -6.55 -23.51 6.14
CA THR A 224 -5.75 -24.75 6.42
C THR A 224 -6.60 -25.72 7.25
N ILE A 225 -7.33 -25.25 8.25
CA ILE A 225 -8.19 -26.14 9.07
C ILE A 225 -9.19 -26.78 8.12
N SER A 226 -9.71 -26.04 7.13
CA SER A 226 -10.71 -26.61 6.19
C SER A 226 -10.05 -27.67 5.29
N LEU A 227 -8.86 -27.42 4.79
CA LEU A 227 -8.16 -28.42 3.96
C LEU A 227 -7.88 -29.67 4.83
N LEU A 228 -7.51 -29.48 6.10
CA LEU A 228 -7.23 -30.57 7.06
C LEU A 228 -8.50 -31.43 7.21
N GLY A 229 -9.65 -30.78 7.41
CA GLY A 229 -10.97 -31.42 7.49
C GLY A 229 -11.25 -32.32 6.29
N GLY A 230 -10.91 -31.84 5.09
CA GLY A 230 -11.16 -32.55 3.83
C GLY A 230 -10.29 -33.80 3.72
N ASP A 231 -9.02 -33.69 4.11
CA ASP A 231 -8.12 -34.86 4.15
C ASP A 231 -8.71 -35.91 5.11
N ILE A 232 -9.07 -35.52 6.32
CA ILE A 232 -9.52 -36.44 7.39
C ILE A 232 -10.80 -37.15 6.96
N ALA A 233 -11.71 -36.45 6.29
CA ALA A 233 -13.00 -37.02 5.83
C ALA A 233 -12.75 -38.01 4.69
N ASN A 234 -11.65 -37.86 3.94
CA ASN A 234 -11.30 -38.80 2.83
C ASN A 234 -10.77 -40.14 3.38
N VAL A 235 -10.62 -40.27 4.70
CA VAL A 235 -10.33 -41.56 5.38
C VAL A 235 -11.68 -42.21 5.73
N ALA A 236 -12.67 -41.40 6.13
CA ALA A 236 -14.05 -41.79 6.53
C ALA A 236 -14.86 -42.34 5.35
N ARG A 237 -14.50 -41.94 4.13
CA ARG A 237 -15.17 -42.33 2.86
C ARG A 237 -14.96 -43.83 2.61
N ASP A 238 -13.87 -44.41 3.13
CA ASP A 238 -13.54 -45.86 3.06
C ASP A 238 -14.56 -46.65 3.88
N ASP A 243 -9.10 -49.32 1.72
CA ASP A 243 -7.71 -49.69 1.37
C ASP A 243 -6.75 -49.02 2.37
N PRO A 244 -5.88 -49.80 3.08
CA PRO A 244 -4.89 -49.25 4.01
C PRO A 244 -3.89 -48.21 3.45
N GLU A 245 -3.65 -48.22 2.14
CA GLU A 245 -2.72 -47.27 1.47
C GLU A 245 -3.43 -45.93 1.25
N LEU A 246 -4.78 -45.91 1.16
CA LEU A 246 -5.54 -44.65 0.98
C LEU A 246 -5.58 -43.92 2.31
N ALA A 247 -5.83 -44.64 3.38
CA ALA A 247 -5.80 -44.06 4.71
C ALA A 247 -4.42 -43.42 4.90
N ARG A 248 -3.34 -44.07 4.42
CA ARG A 248 -1.96 -43.58 4.59
C ARG A 248 -1.79 -42.29 3.77
N LEU A 249 -2.36 -42.24 2.56
CA LEU A 249 -2.28 -41.04 1.68
C LEU A 249 -2.92 -39.84 2.37
N PHE A 250 -4.14 -39.99 2.90
CA PHE A 250 -4.92 -38.89 3.51
C PHE A 250 -4.32 -38.54 4.88
N PHE A 251 -3.76 -39.51 5.62
CA PHE A 251 -3.11 -39.16 6.89
C PHE A 251 -1.89 -38.30 6.54
N THR A 252 -1.12 -38.65 5.52
CA THR A 252 0.12 -37.94 5.14
C THR A 252 -0.26 -36.51 4.71
N ALA A 253 -1.32 -36.34 3.89
CA ALA A 253 -1.84 -35.03 3.45
C ALA A 253 -2.29 -34.26 4.68
N ALA A 254 -3.06 -34.87 5.59
CA ALA A 254 -3.53 -34.19 6.83
C ALA A 254 -2.32 -33.70 7.63
N LEU A 255 -1.25 -34.51 7.70
CA LEU A 255 -0.10 -34.12 8.54
C LEU A 255 0.57 -32.87 7.95
N THR A 256 0.66 -32.73 6.63
CA THR A 256 1.20 -31.48 6.01
C THR A 256 0.37 -30.29 6.45
N GLU A 257 -0.96 -30.44 6.58
CA GLU A 257 -1.85 -29.29 6.92
C GLU A 257 -1.63 -28.97 8.39
N VAL A 258 -1.54 -29.99 9.25
CA VAL A 258 -1.27 -29.78 10.71
C VAL A 258 0.02 -28.99 10.86
N ARG A 259 1.07 -29.37 10.12
CA ARG A 259 2.38 -28.66 10.22
C ARG A 259 2.25 -27.25 9.65
N THR A 260 1.45 -27.07 8.61
CA THR A 260 1.15 -25.70 8.09
C THR A 260 0.58 -24.86 9.23
N LEU A 261 -0.40 -25.36 9.98
CA LEU A 261 -0.98 -24.54 11.09
C LEU A 261 0.11 -24.09 12.07
N GLN A 262 1.00 -25.01 12.40
CA GLN A 262 2.05 -24.75 13.44
C GLN A 262 2.94 -23.63 12.92
N VAL A 263 3.19 -23.60 11.62
CA VAL A 263 4.04 -22.53 11.06
C VAL A 263 3.22 -21.23 11.09
N ASP A 264 1.99 -21.26 10.58
CA ASP A 264 1.17 -20.04 10.40
C ASP A 264 0.76 -19.41 11.74
N ALA A 265 0.49 -20.21 12.76
CA ALA A 265 0.03 -19.69 14.07
C ALA A 265 1.20 -19.53 15.03
N SER A 266 2.42 -19.75 14.56
CA SER A 266 3.66 -19.77 15.37
C SER A 266 3.85 -18.45 16.14
N HIS A 267 4.29 -18.52 17.39
CA HIS A 267 4.64 -17.34 18.24
C HIS A 267 5.89 -16.64 17.65
N HIS A 268 6.95 -17.42 17.35
CA HIS A 268 8.25 -16.97 16.79
C HIS A 268 8.41 -17.47 15.37
N HIS A 269 8.94 -16.63 14.46
CA HIS A 269 9.23 -16.99 13.04
C HIS A 269 10.43 -17.94 13.01
N HIS A 270 10.54 -18.75 11.94
CA HIS A 270 11.55 -19.81 11.66
C HIS A 270 10.84 -21.16 11.60
N GLY B 4 -8.81 -9.54 -16.88
CA GLY B 4 -7.80 -10.37 -16.19
C GLY B 4 -6.68 -9.48 -15.64
N ILE B 5 -6.10 -9.88 -14.51
CA ILE B 5 -5.00 -9.17 -13.81
C ILE B 5 -3.84 -8.94 -14.79
N LEU B 6 -3.44 -9.96 -15.56
CA LEU B 6 -2.28 -9.84 -16.48
C LEU B 6 -2.51 -8.69 -17.47
N SER B 7 -3.66 -8.64 -18.14
CA SER B 7 -4.03 -7.59 -19.11
C SER B 7 -4.06 -6.21 -18.42
N GLN B 8 -4.57 -6.11 -17.20
CA GLN B 8 -4.64 -4.82 -16.48
C GLN B 8 -3.24 -4.36 -16.10
N SER B 9 -2.39 -5.28 -15.63
CA SER B 9 -1.01 -4.98 -15.21
C SER B 9 -0.30 -4.36 -16.42
N ILE B 10 -0.41 -4.98 -17.59
CA ILE B 10 0.20 -4.47 -18.86
C ILE B 10 -0.28 -3.04 -19.11
N ALA B 11 -1.59 -2.82 -19.13
CA ALA B 11 -2.21 -1.50 -19.39
C ALA B 11 -1.71 -0.46 -18.40
N ASN B 12 -1.67 -0.79 -17.11
CA ASN B 12 -1.24 0.18 -16.07
C ASN B 12 0.26 0.45 -16.29
N MET B 13 1.02 -0.56 -16.72
CA MET B 13 2.48 -0.39 -16.97
C MET B 13 2.68 0.58 -18.13
N GLN B 14 1.85 0.51 -19.17
CA GLN B 14 1.96 1.42 -20.34
C GLN B 14 1.71 2.87 -19.92
N GLN B 15 0.68 3.15 -19.12
CA GLN B 15 0.36 4.52 -18.67
C GLN B 15 1.51 5.05 -17.81
N ALA B 16 1.98 4.27 -16.84
CA ALA B 16 3.07 4.75 -15.97
C ALA B 16 4.29 5.06 -16.86
N GLU B 17 4.61 4.21 -17.82
CA GLU B 17 5.79 4.43 -18.72
C GLU B 17 5.67 5.77 -19.47
N ALA B 18 4.51 6.17 -20.00
CA ALA B 18 4.36 7.46 -20.71
C ALA B 18 4.65 8.63 -19.76
N THR B 19 4.13 8.52 -18.55
CA THR B 19 4.29 9.54 -17.48
C THR B 19 5.75 9.55 -17.05
N ILE B 20 6.34 8.37 -16.87
CA ILE B 20 7.78 8.25 -16.50
C ILE B 20 8.67 8.93 -17.57
N GLN B 21 8.38 8.79 -18.87
CA GLN B 21 9.22 9.38 -19.93
C GLN B 21 9.06 10.91 -19.97
N SER B 22 8.00 11.47 -19.41
CA SER B 22 7.73 12.93 -19.50
C SER B 22 8.71 13.73 -18.61
N PHE B 23 9.38 13.12 -17.64
CA PHE B 23 10.24 13.87 -16.69
C PHE B 23 11.62 14.14 -17.27
N SER B 24 12.10 15.38 -17.14
CA SER B 24 13.46 15.76 -17.58
C SER B 24 14.21 16.36 -16.39
N GLY B 25 15.53 16.49 -16.51
CA GLY B 25 16.45 17.14 -15.54
C GLY B 25 16.65 16.36 -14.26
N LEU B 26 16.56 15.03 -14.34
CA LEU B 26 16.71 14.14 -13.16
C LEU B 26 18.08 13.49 -13.22
N PRO B 27 18.59 12.94 -12.11
CA PRO B 27 19.90 12.31 -12.11
C PRO B 27 19.96 11.01 -12.93
N GLN B 28 21.17 10.44 -13.01
CA GLN B 28 21.46 9.19 -13.76
C GLN B 28 20.46 8.08 -13.38
N ASN B 29 20.27 7.79 -12.09
CA ASN B 29 19.40 6.69 -11.58
C ASN B 29 17.98 6.77 -12.17
N ALA B 30 17.45 7.96 -12.40
CA ALA B 30 16.12 8.18 -13.03
C ALA B 30 16.22 7.88 -14.52
N VAL B 31 17.32 8.30 -15.13
CA VAL B 31 17.54 8.01 -16.57
C VAL B 31 17.62 6.49 -16.71
N ASN B 32 18.27 5.81 -15.76
CA ASN B 32 18.38 4.35 -15.76
C ASN B 32 16.97 3.76 -15.82
N ILE B 33 16.04 4.29 -15.01
CA ILE B 33 14.67 3.72 -14.94
C ILE B 33 13.93 4.04 -16.23
N GLN B 34 14.05 5.26 -16.73
CA GLN B 34 13.41 5.67 -17.98
C GLN B 34 13.80 4.71 -19.12
N GLN B 35 15.07 4.36 -19.22
CA GLN B 35 15.52 3.45 -20.32
C GLN B 35 14.96 2.04 -20.07
N ASN B 36 15.11 1.55 -18.85
CA ASN B 36 14.64 0.23 -18.41
C ASN B 36 13.15 0.08 -18.79
N VAL B 37 12.30 1.00 -18.33
CA VAL B 37 10.83 0.92 -18.59
C VAL B 37 10.53 1.08 -20.06
N GLY B 38 11.30 1.88 -20.82
CA GLY B 38 11.08 1.97 -22.27
C GLY B 38 11.20 0.59 -22.92
N GLU B 39 12.26 -0.14 -22.58
CA GLU B 39 12.58 -1.49 -23.11
C GLU B 39 11.53 -2.50 -22.63
N VAL B 40 11.09 -2.40 -21.36
CA VAL B 40 10.04 -3.30 -20.81
C VAL B 40 8.79 -3.17 -21.66
N VAL B 41 8.34 -1.93 -21.91
CA VAL B 41 7.12 -1.67 -22.73
C VAL B 41 7.33 -2.05 -24.20
N ALA B 42 8.49 -1.77 -24.79
CA ALA B 42 8.76 -2.01 -26.24
C ALA B 42 8.97 -3.50 -26.52
N ALA B 43 9.78 -4.20 -25.72
CA ALA B 43 10.24 -5.59 -25.95
C ALA B 43 9.57 -6.59 -25.01
N LEU B 44 9.54 -6.35 -23.69
CA LEU B 44 9.14 -7.44 -22.76
C LEU B 44 7.62 -7.62 -22.72
N LEU B 45 6.81 -6.57 -22.79
CA LEU B 45 5.34 -6.77 -22.65
C LEU B 45 4.75 -7.47 -23.88
N PRO B 46 5.23 -7.21 -25.12
CA PRO B 46 4.75 -7.97 -26.28
C PRO B 46 5.03 -9.47 -26.10
N GLN B 47 6.15 -9.82 -25.49
CA GLN B 47 6.53 -11.22 -25.27
C GLN B 47 5.62 -11.82 -24.21
N VAL B 48 5.20 -11.03 -23.22
CA VAL B 48 4.25 -11.50 -22.18
C VAL B 48 2.90 -11.74 -22.87
N GLN B 49 2.53 -10.86 -23.81
CA GLN B 49 1.27 -11.00 -24.59
C GLN B 49 1.35 -12.27 -25.46
N THR B 50 2.51 -12.57 -26.05
CA THR B 50 2.75 -13.76 -26.91
C THR B 50 2.68 -14.99 -26.01
N MET B 51 3.35 -14.96 -24.86
CA MET B 51 3.35 -16.05 -23.87
C MET B 51 1.92 -16.42 -23.52
N GLN B 52 1.12 -15.43 -23.15
CA GLN B 52 -0.31 -15.55 -22.76
C GLN B 52 -1.10 -16.21 -23.90
N GLN B 53 -0.95 -15.77 -25.14
CA GLN B 53 -1.68 -16.35 -26.31
C GLN B 53 -1.34 -17.83 -26.44
N GLN B 54 -0.04 -18.16 -26.36
CA GLN B 54 0.45 -19.54 -26.55
C GLN B 54 -0.05 -20.42 -25.42
N VAL B 55 -0.01 -19.92 -24.18
CA VAL B 55 -0.46 -20.69 -22.99
C VAL B 55 -1.95 -21.01 -23.15
N LEU B 56 -2.77 -20.01 -23.49
CA LEU B 56 -4.23 -20.19 -23.63
C LEU B 56 -4.53 -21.18 -24.76
N ALA B 57 -3.85 -21.05 -25.90
CA ALA B 57 -4.07 -21.90 -27.10
C ALA B 57 -3.73 -23.35 -26.70
N PHE B 58 -2.55 -23.53 -26.11
CA PHE B 58 -2.06 -24.85 -25.62
C PHE B 58 -3.04 -25.42 -24.59
N ALA B 59 -3.52 -24.61 -23.64
CA ALA B 59 -4.43 -25.09 -22.57
C ALA B 59 -5.76 -25.54 -23.22
N ALA B 60 -6.29 -24.80 -24.20
CA ALA B 60 -7.60 -25.13 -24.82
C ALA B 60 -7.48 -26.48 -25.57
N ARG B 61 -6.36 -26.71 -26.24
CA ARG B 61 -6.14 -27.94 -27.03
C ARG B 61 -6.02 -29.10 -26.06
N LEU B 62 -5.21 -28.96 -25.02
CA LEU B 62 -4.99 -30.05 -24.03
C LEU B 62 -6.27 -30.33 -23.24
N GLU B 63 -7.04 -29.31 -22.89
CA GLU B 63 -8.34 -29.50 -22.21
C GLU B 63 -9.23 -30.44 -23.05
N LEU B 64 -9.37 -30.17 -24.33
CA LEU B 64 -10.26 -30.98 -25.22
C LEU B 64 -9.72 -32.41 -25.23
N GLN B 65 -8.40 -32.55 -25.38
CA GLN B 65 -7.70 -33.86 -25.44
C GLN B 65 -7.88 -34.64 -24.16
N LEU B 66 -7.75 -34.00 -23.00
CA LEU B 66 -7.95 -34.66 -21.70
C LEU B 66 -9.42 -35.13 -21.61
N THR B 67 -10.41 -34.33 -22.04
CA THR B 67 -11.84 -34.74 -21.99
C THR B 67 -12.04 -35.96 -22.92
N GLN B 68 -11.41 -35.96 -24.09
CA GLN B 68 -11.51 -37.04 -25.10
C GLN B 68 -10.93 -38.32 -24.50
N GLN B 69 -9.84 -38.23 -23.72
CA GLN B 69 -9.23 -39.36 -22.98
C GLN B 69 -10.17 -39.84 -21.87
N LEU B 70 -10.76 -38.93 -21.11
CA LEU B 70 -11.68 -39.30 -20.01
C LEU B 70 -12.95 -39.95 -20.63
N ALA B 71 -13.16 -39.81 -21.94
CA ALA B 71 -14.38 -40.36 -22.62
C ALA B 71 -14.11 -41.72 -23.23
N ASN B 72 -12.89 -42.01 -23.70
CA ASN B 72 -12.62 -43.27 -24.45
C ASN B 72 -12.83 -44.44 -23.47
N THR B 73 -13.36 -45.56 -23.97
CA THR B 73 -13.63 -46.84 -23.24
C THR B 73 -12.90 -47.96 -23.98
N ASN B 77 -5.01 -49.82 -21.81
CA ASN B 77 -3.88 -49.83 -22.78
C ASN B 77 -2.64 -49.16 -22.15
N PRO B 78 -1.83 -49.87 -21.32
CA PRO B 78 -0.63 -49.30 -20.70
C PRO B 78 0.45 -48.65 -21.59
N GLU B 79 0.40 -48.82 -22.93
CA GLU B 79 1.37 -48.20 -23.89
C GLU B 79 0.62 -47.20 -24.79
N ALA B 80 -0.47 -46.65 -24.25
CA ALA B 80 -1.28 -45.54 -24.83
C ALA B 80 -1.12 -44.30 -23.95
N LEU B 81 -1.14 -44.50 -22.62
CA LEU B 81 -0.96 -43.44 -21.59
C LEU B 81 0.47 -42.89 -21.68
N LYS B 82 1.39 -43.58 -22.38
CA LYS B 82 2.80 -43.12 -22.55
C LYS B 82 2.98 -42.43 -23.92
N ALA B 83 2.24 -42.82 -24.98
CA ALA B 83 2.26 -42.19 -26.32
C ALA B 83 1.66 -40.78 -26.25
N PHE B 84 0.85 -40.55 -25.22
CA PHE B 84 0.18 -39.27 -24.90
C PHE B 84 1.10 -38.43 -24.01
N VAL B 85 1.34 -38.89 -22.77
CA VAL B 85 2.20 -38.17 -21.77
C VAL B 85 3.45 -37.64 -22.47
N ASP B 86 4.06 -38.42 -23.37
CA ASP B 86 5.27 -38.01 -24.14
C ASP B 86 4.92 -36.85 -25.08
N LEU B 87 3.75 -36.90 -25.72
CA LEU B 87 3.22 -35.87 -26.67
C LEU B 87 2.93 -34.54 -25.94
N VAL B 88 2.31 -34.59 -24.76
CA VAL B 88 2.03 -33.39 -23.92
C VAL B 88 3.37 -32.74 -23.53
N GLN B 89 4.26 -33.50 -22.86
CA GLN B 89 5.60 -33.03 -22.38
C GLN B 89 6.37 -32.45 -23.57
N GLN B 90 6.13 -32.96 -24.79
CA GLN B 90 6.72 -32.40 -26.03
C GLN B 90 6.09 -31.03 -26.33
N GLU B 91 4.76 -30.98 -26.49
CA GLU B 91 4.02 -29.76 -26.90
C GLU B 91 4.14 -28.64 -25.85
N ILE B 92 4.35 -29.03 -24.59
CA ILE B 92 4.42 -28.09 -23.43
C ILE B 92 5.84 -27.53 -23.29
N ALA B 93 6.86 -28.13 -23.90
CA ALA B 93 8.28 -27.69 -23.76
C ALA B 93 8.50 -26.26 -24.24
N PRO B 94 8.03 -25.85 -25.45
CA PRO B 94 8.28 -24.49 -25.93
C PRO B 94 7.66 -23.39 -25.06
N ILE B 95 6.42 -23.62 -24.60
CA ILE B 95 5.66 -22.69 -23.71
C ILE B 95 6.37 -22.65 -22.35
N GLN B 96 6.85 -23.78 -21.84
CA GLN B 96 7.59 -23.84 -20.54
C GLN B 96 8.86 -22.95 -20.64
N THR B 97 9.53 -22.96 -21.80
CA THR B 97 10.74 -22.13 -22.07
C THR B 97 10.36 -20.64 -22.08
N LEU B 98 9.43 -20.23 -22.95
CA LEU B 98 9.01 -18.82 -23.09
C LEU B 98 8.64 -18.25 -21.71
N THR B 99 7.93 -19.03 -20.91
CA THR B 99 7.46 -18.64 -19.55
C THR B 99 8.65 -18.40 -18.62
N ALA B 100 9.62 -19.32 -18.55
CA ALA B 100 10.82 -19.15 -17.68
C ALA B 100 11.60 -17.92 -18.13
N GLN B 101 11.85 -17.76 -19.43
CA GLN B 101 12.59 -16.60 -20.00
C GLN B 101 11.89 -15.29 -19.58
N THR B 102 10.58 -15.21 -19.79
CA THR B 102 9.72 -14.04 -19.49
C THR B 102 9.81 -13.71 -18.00
N LEU B 103 9.70 -14.71 -17.13
CA LEU B 103 9.84 -14.55 -15.66
C LEU B 103 11.22 -13.98 -15.32
N THR B 104 12.30 -14.63 -15.75
CA THR B 104 13.71 -14.18 -15.53
C THR B 104 13.90 -12.73 -16.03
N ALA B 105 13.47 -12.40 -17.27
CA ALA B 105 13.65 -11.04 -17.83
C ALA B 105 12.86 -10.02 -16.99
N SER B 106 11.65 -10.37 -16.58
CA SER B 106 10.77 -9.50 -15.75
C SER B 106 11.43 -9.20 -14.41
N GLN B 107 11.84 -10.24 -13.67
CA GLN B 107 12.48 -10.06 -12.36
C GLN B 107 13.75 -9.19 -12.49
N SER B 108 14.58 -9.45 -13.50
CA SER B 108 15.84 -8.69 -13.75
C SER B 108 15.52 -7.20 -13.95
N ALA B 109 14.58 -6.88 -14.84
CA ALA B 109 14.18 -5.48 -15.08
C ALA B 109 13.57 -4.87 -13.81
N ASN B 110 12.72 -5.62 -13.12
CA ASN B 110 12.02 -5.05 -11.94
C ASN B 110 13.05 -4.79 -10.85
N ASP B 111 14.00 -5.70 -10.69
CA ASP B 111 15.00 -5.56 -9.60
C ASP B 111 15.85 -4.31 -9.79
N ARG B 112 16.17 -3.96 -11.05
CA ARG B 112 16.99 -2.77 -11.36
C ARG B 112 16.16 -1.54 -11.03
N ILE B 113 14.86 -1.54 -11.34
CA ILE B 113 14.03 -0.39 -10.94
C ILE B 113 14.14 -0.21 -9.41
N THR B 114 14.02 -1.27 -8.65
CA THR B 114 14.07 -1.20 -7.17
C THR B 114 15.39 -0.57 -6.72
N GLN B 115 16.50 -0.94 -7.35
CA GLN B 115 17.83 -0.43 -6.91
C GLN B 115 17.96 1.04 -7.26
N ASP B 116 17.58 1.44 -8.46
CA ASP B 116 17.59 2.85 -8.90
C ASP B 116 16.68 3.69 -7.98
N ASN B 117 15.53 3.13 -7.57
CA ASN B 117 14.56 3.84 -6.68
C ASN B 117 15.23 4.13 -5.34
N ILE B 118 15.91 3.15 -4.75
CA ILE B 118 16.62 3.33 -3.47
C ILE B 118 17.67 4.44 -3.63
N ALA B 119 18.44 4.41 -4.75
CA ALA B 119 19.49 5.40 -5.07
C ALA B 119 18.82 6.78 -5.11
N LEU B 120 17.64 6.89 -5.73
CA LEU B 120 16.97 8.22 -5.79
C LEU B 120 16.51 8.64 -4.38
N GLN B 121 16.07 7.71 -3.54
CA GLN B 121 15.69 8.02 -2.14
C GLN B 121 16.92 8.54 -1.39
N ARG B 122 18.11 7.94 -1.57
CA ARG B 122 19.34 8.40 -0.88
C ARG B 122 19.62 9.82 -1.35
N ILE B 123 19.51 10.08 -2.66
CA ILE B 123 19.75 11.43 -3.22
C ILE B 123 18.78 12.42 -2.57
N GLY B 124 17.49 12.09 -2.50
CA GLY B 124 16.49 12.99 -1.90
C GLY B 124 16.79 13.32 -0.46
N VAL B 125 17.21 12.34 0.35
CA VAL B 125 17.51 12.65 1.79
C VAL B 125 18.71 13.59 1.81
N GLU B 126 19.71 13.39 0.97
CA GLU B 126 20.86 14.32 0.97
C GLU B 126 20.43 15.72 0.57
N LEU B 127 19.51 15.84 -0.39
CA LEU B 127 19.02 17.19 -0.80
C LEU B 127 18.30 17.84 0.39
N GLN B 128 17.50 17.07 1.13
CA GLN B 128 16.79 17.59 2.34
C GLN B 128 17.82 18.05 3.39
N ALA B 129 18.88 17.30 3.61
CA ALA B 129 19.96 17.71 4.55
C ALA B 129 20.61 19.01 4.06
N THR B 130 20.76 19.23 2.75
CA THR B 130 21.36 20.47 2.20
C THR B 130 20.48 21.68 2.54
N ILE B 131 19.18 21.55 2.39
CA ILE B 131 18.24 22.65 2.73
C ILE B 131 18.35 23.01 4.21
N ALA B 132 18.30 22.02 5.10
CA ALA B 132 18.34 22.28 6.56
C ALA B 132 19.55 23.19 6.86
N GLY B 133 20.68 22.90 6.22
CA GLY B 133 21.94 23.66 6.41
C GLY B 133 21.82 25.10 5.95
N LEU B 134 20.91 25.39 5.01
CA LEU B 134 20.72 26.71 4.33
C LEU B 134 19.55 27.50 4.95
N GLN B 135 18.46 26.81 5.30
CA GLN B 135 17.19 27.44 5.78
C GLN B 135 17.53 28.26 7.04
N SER B 136 18.42 27.77 7.89
CA SER B 136 18.87 28.49 9.10
C SER B 136 19.39 29.89 8.72
N ASN B 137 20.30 29.99 7.74
CA ASN B 137 20.93 31.23 7.26
C ASN B 137 19.86 32.14 6.61
N LEU B 138 18.93 31.54 5.87
CA LEU B 138 17.82 32.21 5.14
C LEU B 138 16.85 32.87 6.14
N ASP B 139 16.46 32.14 7.19
CA ASP B 139 15.61 32.64 8.29
C ASP B 139 16.28 33.91 8.82
N GLY B 140 17.57 33.82 9.20
CA GLY B 140 18.39 34.93 9.73
C GLY B 140 18.34 36.13 8.79
N ALA B 141 18.61 35.88 7.52
CA ALA B 141 18.60 36.94 6.49
C ALA B 141 17.16 37.50 6.37
N ARG B 142 16.11 36.68 6.40
CA ARG B 142 14.71 37.15 6.25
C ARG B 142 14.32 38.03 7.44
N GLN B 143 14.78 37.70 8.64
CA GLN B 143 14.54 38.46 9.90
C GLN B 143 15.24 39.83 9.85
N GLU B 144 16.49 39.90 9.38
CA GLU B 144 17.16 41.20 9.22
C GLU B 144 16.38 42.02 8.20
N LEU B 145 15.98 41.39 7.09
CA LEU B 145 15.29 42.12 6.00
C LEU B 145 13.97 42.69 6.54
N ASP B 146 13.28 41.93 7.39
CA ASP B 146 12.03 42.37 8.05
C ASP B 146 12.34 43.62 8.87
N SER B 147 13.36 43.57 9.74
CA SER B 147 13.83 44.69 10.57
C SER B 147 14.15 45.92 9.70
N LEU B 148 14.81 45.72 8.56
CA LEU B 148 15.21 46.84 7.67
C LEU B 148 13.97 47.42 6.98
N ASN B 149 13.00 46.61 6.52
CA ASN B 149 11.80 47.15 5.86
C ASN B 149 11.06 48.03 6.86
N LYS B 150 10.98 47.61 8.13
CA LYS B 150 10.30 48.38 9.22
C LYS B 150 11.02 49.71 9.44
N LYS B 151 12.35 49.70 9.55
CA LYS B 151 13.17 50.92 9.75
C LYS B 151 12.97 51.90 8.59
N LYS B 152 12.85 51.40 7.37
CA LYS B 152 12.64 52.22 6.15
C LYS B 152 11.33 52.99 6.30
N LEU B 153 10.25 52.33 6.72
CA LEU B 153 8.91 52.97 6.80
C LEU B 153 8.93 54.03 7.90
N TYR B 154 9.54 53.72 9.02
CA TYR B 154 9.72 54.61 10.19
C TYR B 154 10.53 55.85 9.81
N LEU B 155 11.73 55.68 9.23
CA LEU B 155 12.63 56.82 8.91
C LEU B 155 11.94 57.78 7.94
N THR B 156 11.23 57.23 6.96
CA THR B 156 10.51 57.99 5.92
C THR B 156 9.39 58.80 6.59
N GLY B 157 8.81 58.25 7.66
CA GLY B 157 7.77 58.92 8.45
C GLY B 157 8.34 60.06 9.30
N LEU B 158 9.64 60.08 9.60
CA LEU B 158 10.24 61.14 10.44
C LEU B 158 10.45 62.44 9.65
N GLY B 159 10.08 62.55 8.37
CA GLY B 159 10.41 63.75 7.60
C GLY B 159 11.92 63.87 7.42
N THR B 160 12.46 65.10 7.28
CA THR B 160 13.89 65.38 6.94
C THR B 160 14.84 64.85 8.01
N THR B 161 14.39 64.73 9.27
CA THR B 161 15.21 64.16 10.37
C THR B 161 15.63 62.73 9.99
N GLY B 162 14.79 61.99 9.25
CA GLY B 162 15.07 60.59 8.85
C GLY B 162 15.97 60.43 7.64
N LEU B 163 16.39 61.49 6.95
CA LEU B 163 17.13 61.34 5.66
C LEU B 163 18.53 60.74 5.84
N PRO B 164 19.41 61.23 6.74
CA PRO B 164 20.72 60.58 6.92
C PRO B 164 20.55 59.08 7.23
N GLY B 165 19.63 58.75 8.14
CA GLY B 165 19.33 57.37 8.58
C GLY B 165 18.84 56.49 7.42
N LEU B 166 18.02 57.05 6.50
CA LEU B 166 17.42 56.33 5.35
C LEU B 166 18.52 56.04 4.33
N ILE B 167 19.38 57.03 4.11
CA ILE B 167 20.53 56.91 3.15
C ILE B 167 21.40 55.74 3.59
N ALA B 168 21.78 55.67 4.87
CA ALA B 168 22.62 54.61 5.43
C ALA B 168 21.91 53.25 5.32
N LEU B 169 20.62 53.23 5.65
CA LEU B 169 19.81 52.00 5.60
C LEU B 169 19.70 51.50 4.15
N ALA B 170 19.58 52.38 3.16
CA ALA B 170 19.45 52.04 1.72
C ALA B 170 20.62 51.14 1.28
N VAL B 171 21.82 51.43 1.80
CA VAL B 171 23.05 50.65 1.47
C VAL B 171 22.93 49.24 2.05
N THR B 172 22.58 49.11 3.33
CA THR B 172 22.44 47.81 4.02
C THR B 172 21.28 47.02 3.40
N LEU B 173 20.17 47.70 3.13
CA LEU B 173 18.98 47.07 2.53
C LEU B 173 19.42 46.33 1.26
N THR B 174 20.16 47.00 0.35
CA THR B 174 20.67 46.38 -0.90
C THR B 174 21.43 45.08 -0.58
N GLN B 175 22.37 45.10 0.37
CA GLN B 175 23.17 43.90 0.76
C GLN B 175 22.26 42.78 1.30
N THR B 176 21.29 43.08 2.18
CA THR B 176 20.43 42.06 2.81
C THR B 176 19.48 41.48 1.73
N GLN B 177 18.88 42.34 0.92
CA GLN B 177 17.99 41.91 -0.18
C GLN B 177 18.77 40.95 -1.10
N ASN B 178 20.02 41.24 -1.45
CA ASN B 178 20.83 40.35 -2.33
C ASN B 178 21.08 39.01 -1.61
N LYS B 179 21.30 39.04 -0.31
CA LYS B 179 21.57 37.79 0.47
C LYS B 179 20.28 36.95 0.53
N VAL B 180 19.16 37.56 0.84
CA VAL B 180 17.86 36.83 0.91
C VAL B 180 17.56 36.25 -0.46
N SER B 181 17.73 37.04 -1.51
CA SER B 181 17.49 36.61 -2.90
C SER B 181 18.34 35.38 -3.23
N SER B 182 19.64 35.42 -2.96
CA SER B 182 20.55 34.28 -3.25
C SER B 182 20.12 33.03 -2.49
N LEU B 183 19.86 33.18 -1.19
CA LEU B 183 19.52 32.03 -0.32
C LEU B 183 18.16 31.46 -0.70
N GLU B 184 17.18 32.34 -0.96
CA GLU B 184 15.83 31.89 -1.40
C GLU B 184 15.95 31.09 -2.69
N GLY B 185 16.66 31.67 -3.66
CA GLY B 185 16.87 31.05 -4.97
C GLY B 185 17.50 29.67 -4.81
N GLN B 186 18.52 29.55 -3.95
CA GLN B 186 19.20 28.26 -3.68
C GLN B 186 18.23 27.28 -3.05
N VAL B 187 17.52 27.67 -1.98
CA VAL B 187 16.53 26.78 -1.29
C VAL B 187 15.43 26.35 -2.29
N ASN B 188 14.92 27.32 -3.04
CA ASN B 188 13.82 27.08 -4.00
C ASN B 188 14.26 26.07 -5.07
N GLN B 189 15.51 26.18 -5.53
CA GLN B 189 16.09 25.26 -6.54
C GLN B 189 16.09 23.82 -6.01
N ILE B 190 16.58 23.63 -4.80
CA ILE B 190 16.67 22.27 -4.21
C ILE B 190 15.26 21.73 -3.94
N GLU B 191 14.35 22.59 -3.49
CA GLU B 191 12.94 22.17 -3.19
C GLU B 191 12.29 21.66 -4.47
N GLY B 192 12.53 22.35 -5.59
CA GLY B 192 12.05 22.00 -6.94
C GLY B 192 12.53 20.63 -7.36
N GLN B 193 13.82 20.34 -7.14
CA GLN B 193 14.48 19.04 -7.43
CA GLN B 193 14.42 19.02 -7.48
C GLN B 193 13.80 17.91 -6.60
N ILE B 194 13.64 18.14 -5.31
CA ILE B 194 13.03 17.13 -4.40
C ILE B 194 11.61 16.82 -4.88
N GLN B 195 10.83 17.85 -5.19
CA GLN B 195 9.42 17.75 -5.66
C GLN B 195 9.36 16.92 -6.95
N ARG B 196 10.24 17.20 -7.90
CA ARG B 196 10.27 16.49 -9.21
C ARG B 196 10.62 15.03 -8.98
N GLN B 197 11.63 14.78 -8.15
CA GLN B 197 12.07 13.40 -7.89
C GLN B 197 10.96 12.65 -7.15
N GLN B 198 10.28 13.29 -6.21
CA GLN B 198 9.19 12.58 -5.47
C GLN B 198 8.07 12.20 -6.46
N GLY B 199 7.73 13.09 -7.39
CA GLY B 199 6.72 12.81 -8.42
C GLY B 199 7.17 11.62 -9.26
N PHE B 200 8.44 11.63 -9.66
CA PHE B 200 9.01 10.54 -10.48
C PHE B 200 8.99 9.23 -9.70
N LEU B 201 9.39 9.24 -8.44
CA LEU B 201 9.39 8.05 -7.57
C LEU B 201 7.98 7.47 -7.38
N GLY B 202 6.95 8.30 -7.23
CA GLY B 202 5.53 7.86 -7.20
C GLY B 202 5.20 7.05 -8.45
N GLN B 203 5.63 7.51 -9.61
CA GLN B 203 5.34 6.81 -10.86
C GLN B 203 6.15 5.52 -10.98
N THR B 204 7.45 5.53 -10.61
CA THR B 204 8.30 4.33 -10.73
C THR B 204 7.89 3.28 -9.69
N THR B 205 7.45 3.70 -8.52
CA THR B 205 6.96 2.75 -7.50
C THR B 205 5.68 2.12 -8.06
N ALA B 206 4.79 2.93 -8.62
CA ALA B 206 3.52 2.39 -9.17
C ALA B 206 3.83 1.40 -10.29
N PHE B 207 4.71 1.79 -11.22
CA PHE B 207 5.13 0.89 -12.34
C PHE B 207 5.59 -0.44 -11.75
N SER B 208 6.45 -0.39 -10.74
CA SER B 208 7.05 -1.57 -10.10
C SER B 208 6.00 -2.43 -9.38
N GLN B 209 5.02 -1.80 -8.75
CA GLN B 209 3.89 -2.52 -8.10
C GLN B 209 3.13 -3.33 -9.17
N GLN B 210 2.75 -2.69 -10.27
CA GLN B 210 2.06 -3.37 -11.39
C GLN B 210 2.97 -4.50 -11.92
N PHE B 211 4.28 -4.25 -12.09
CA PHE B 211 5.27 -5.23 -12.60
C PHE B 211 5.32 -6.44 -11.65
N GLY B 212 5.31 -6.20 -10.34
CA GLY B 212 5.17 -7.25 -9.30
C GLY B 212 3.94 -8.14 -9.54
N SER B 213 2.79 -7.56 -9.84
CA SER B 213 1.55 -8.35 -10.09
C SER B 213 1.75 -9.22 -11.34
N LEU B 214 2.31 -8.64 -12.40
CA LEU B 214 2.61 -9.38 -13.65
C LEU B 214 3.55 -10.55 -13.34
N ILE B 215 4.65 -10.30 -12.63
CA ILE B 215 5.65 -11.35 -12.28
C ILE B 215 4.97 -12.48 -11.50
N ASP B 216 4.15 -12.13 -10.52
CA ASP B 216 3.44 -13.12 -9.68
C ASP B 216 2.56 -14.01 -10.58
N ARG B 217 1.80 -13.40 -11.46
CA ARG B 217 0.91 -14.11 -12.41
C ARG B 217 1.78 -14.95 -13.36
N VAL B 218 2.86 -14.42 -13.90
CA VAL B 218 3.76 -15.21 -14.81
C VAL B 218 4.34 -16.39 -14.02
N SER B 219 4.69 -16.20 -12.75
CA SER B 219 5.23 -17.30 -11.91
C SER B 219 4.14 -18.37 -11.70
N LYS B 220 2.91 -17.97 -11.38
CA LYS B 220 1.81 -18.94 -11.12
C LYS B 220 1.59 -19.80 -12.37
N VAL B 221 1.65 -19.20 -13.55
CA VAL B 221 1.51 -19.90 -14.86
C VAL B 221 2.67 -20.89 -15.06
N GLY B 222 3.91 -20.43 -15.00
CA GLY B 222 5.10 -21.29 -15.15
C GLY B 222 5.12 -22.45 -14.17
N ASN B 223 4.57 -22.28 -12.96
CA ASN B 223 4.51 -23.35 -11.93
C ASN B 223 3.50 -24.43 -12.39
N THR B 224 2.32 -24.00 -12.83
CA THR B 224 1.26 -24.94 -13.31
C THR B 224 1.83 -25.71 -14.51
N ILE B 225 2.39 -25.01 -15.49
CA ILE B 225 3.01 -25.66 -16.68
C ILE B 225 4.09 -26.67 -16.26
N SER B 226 5.07 -26.28 -15.44
CA SER B 226 6.18 -27.20 -15.02
C SER B 226 5.60 -28.51 -14.46
N LEU B 227 4.55 -28.43 -13.65
CA LEU B 227 3.86 -29.58 -13.01
C LEU B 227 3.23 -30.49 -14.09
N LEU B 228 2.62 -29.91 -15.14
CA LEU B 228 2.01 -30.68 -16.24
C LEU B 228 3.12 -31.36 -17.08
N GLY B 229 4.29 -30.74 -17.17
CA GLY B 229 5.40 -31.23 -18.01
C GLY B 229 6.37 -32.19 -17.35
N GLY B 230 6.17 -32.64 -16.10
CA GLY B 230 7.16 -33.54 -15.43
C GLY B 230 6.58 -34.67 -14.58
N ASP B 231 5.90 -35.66 -15.19
CA ASP B 231 5.30 -36.84 -14.50
C ASP B 231 4.81 -37.93 -15.48
N ILE B 232 4.86 -39.20 -15.08
CA ILE B 232 4.36 -40.37 -15.86
C ILE B 232 3.63 -41.32 -14.92
N PRO B 244 -4.48 -49.96 -13.90
CA PRO B 244 -4.46 -48.69 -14.61
C PRO B 244 -5.77 -47.88 -14.65
N GLU B 245 -6.47 -47.75 -13.50
CA GLU B 245 -7.64 -46.84 -13.32
C GLU B 245 -7.10 -45.49 -12.79
N LEU B 246 -5.79 -45.43 -12.53
CA LEU B 246 -5.04 -44.20 -12.12
C LEU B 246 -5.12 -43.18 -13.27
N ALA B 247 -5.10 -43.66 -14.53
CA ALA B 247 -5.22 -42.86 -15.77
C ALA B 247 -6.37 -41.86 -15.58
N ARG B 248 -7.52 -42.35 -15.12
CA ARG B 248 -8.75 -41.55 -14.83
C ARG B 248 -8.43 -40.42 -13.83
N LEU B 249 -7.82 -40.75 -12.69
CA LEU B 249 -7.45 -39.80 -11.61
C LEU B 249 -6.38 -38.84 -12.14
N PHE B 250 -5.45 -39.36 -12.93
CA PHE B 250 -4.37 -38.61 -13.62
C PHE B 250 -5.01 -37.54 -14.52
N PHE B 251 -5.85 -37.98 -15.45
CA PHE B 251 -6.51 -37.08 -16.41
C PHE B 251 -7.37 -36.10 -15.62
N THR B 252 -8.02 -36.53 -14.53
CA THR B 252 -8.91 -35.63 -13.76
C THR B 252 -8.08 -34.50 -13.09
N ALA B 253 -6.91 -34.84 -12.54
CA ALA B 253 -5.96 -33.93 -11.86
C ALA B 253 -5.39 -32.94 -12.89
N ALA B 254 -4.78 -33.47 -13.96
CA ALA B 254 -4.25 -32.68 -15.10
C ALA B 254 -5.33 -31.70 -15.59
N LEU B 255 -6.55 -32.17 -15.83
CA LEU B 255 -7.64 -31.31 -16.37
C LEU B 255 -7.95 -30.16 -15.40
N THR B 256 -7.93 -30.38 -14.07
CA THR B 256 -8.13 -29.29 -13.05
C THR B 256 -7.05 -28.21 -13.26
N GLU B 257 -5.82 -28.63 -13.57
CA GLU B 257 -4.62 -27.77 -13.75
C GLU B 257 -4.79 -26.94 -15.02
N VAL B 258 -5.04 -27.62 -16.14
CA VAL B 258 -5.26 -26.99 -17.47
C VAL B 258 -6.28 -25.86 -17.29
N ARG B 259 -7.33 -26.10 -16.51
CA ARG B 259 -8.41 -25.11 -16.26
C ARG B 259 -7.89 -23.94 -15.40
N THR B 260 -7.02 -24.14 -14.41
CA THR B 260 -6.45 -23.00 -13.61
C THR B 260 -5.55 -22.15 -14.53
N LEU B 261 -4.86 -22.81 -15.46
CA LEU B 261 -3.94 -22.20 -16.45
C LEU B 261 -4.69 -21.17 -17.30
N GLN B 262 -5.92 -21.53 -17.71
CA GLN B 262 -6.80 -20.70 -18.55
C GLN B 262 -7.27 -19.51 -17.72
N VAL B 263 -7.50 -19.73 -16.44
CA VAL B 263 -7.95 -18.68 -15.48
C VAL B 263 -6.78 -17.71 -15.20
N ASP B 264 -5.60 -18.21 -14.79
CA ASP B 264 -4.41 -17.37 -14.45
C ASP B 264 -3.99 -16.52 -15.66
N ALA B 265 -3.99 -17.06 -16.88
CA ALA B 265 -3.52 -16.38 -18.10
C ALA B 265 -4.67 -15.77 -18.92
N SER B 266 -5.86 -15.68 -18.35
CA SER B 266 -7.11 -15.21 -19.03
C SER B 266 -7.02 -13.74 -19.49
N HIS B 267 -7.88 -13.33 -20.46
CA HIS B 267 -8.08 -11.95 -20.96
C HIS B 267 -9.33 -11.29 -20.30
N HIS B 268 -10.19 -12.08 -19.63
CA HIS B 268 -11.46 -11.69 -18.95
C HIS B 268 -11.83 -10.23 -19.27
#